data_3FZS
#
_entry.id   3FZS
#
_cell.length_a   37.503
_cell.length_b   81.694
_cell.length_c   87.256
_cell.angle_alpha   90.00
_cell.angle_beta   90.00
_cell.angle_gamma   90.00
#
_symmetry.space_group_name_H-M   'P 21 21 21'
#
loop_
_entity.id
_entity.type
_entity.pdbx_description
1 polymer 'Protein tyrosine kinase 2 beta'
2 non-polymer 1-(5-TERT-BUTYL-2-P-TOLYL-2H-PYRAZOL-3-YL)-3-[4-(2-MORPHOLIN-4-YL-ETHOXY)-NAPHTHALEN-1-YL]-UREA
3 water water
#
_entity_poly.entity_id   1
_entity_poly.type   'polypeptide(L)'
_entity_poly.pdbx_seq_one_letter_code
;PQYGIAREDVVLNRILGEGFFGEVYEGVYTNHKGEKINVAVKTCKKDCTLDNKEKFMSEAVIMKNLDHPHIVKLIGIIEE
EPTWIIMELYPYGELGHYLERNKNSLKVLTLVLYSLQICKAMAYLESINCVHRDIAVRNILVASPECVKLGDFGLSRYIE
DEDYYKASVTRLPIKWMSPESINFRRFTTASDVWMFAVCMWEILSFGKQPFFWLENKDVIGVLEKGDRLPKPDLCPPVLY
TLMTRCWDYDPSDRPRFTELVCSLSDVYQMEKDIAME
;
_entity_poly.pdbx_strand_id   A
#
loop_
_chem_comp.id
_chem_comp.type
_chem_comp.name
_chem_comp.formula
B96 non-polymer 1-(5-TERT-BUTYL-2-P-TOLYL-2H-PYRAZOL-3-YL)-3-[4-(2-MORPHOLIN-4-YL-ETHOXY)-NAPHTHALEN-1-YL]-UREA 'C31 H37 N5 O3'
#
# COMPACT_ATOMS: atom_id res chain seq x y z
N ILE A 5 8.47 8.86 -23.73
CA ILE A 5 8.15 10.17 -23.07
C ILE A 5 9.32 11.13 -23.12
N ALA A 6 9.02 12.33 -23.63
CA ALA A 6 10.02 13.38 -23.77
C ALA A 6 10.12 14.19 -22.48
N ARG A 7 11.34 14.51 -22.09
CA ARG A 7 11.56 15.27 -20.87
C ARG A 7 10.85 16.64 -20.86
N GLU A 8 10.73 17.26 -22.03
CA GLU A 8 10.04 18.55 -22.13
C GLU A 8 8.55 18.44 -21.81
N ASP A 9 8.02 17.22 -21.85
CA ASP A 9 6.61 16.97 -21.51
C ASP A 9 6.36 16.86 -19.99
N VAL A 10 7.43 16.88 -19.20
CA VAL A 10 7.32 16.77 -17.75
C VAL A 10 7.85 18.03 -17.06
N VAL A 11 6.96 18.69 -16.31
CA VAL A 11 7.31 19.88 -15.52
C VAL A 11 7.32 19.52 -14.03
N LEU A 12 8.47 19.66 -13.38
CA LEU A 12 8.57 19.41 -11.94
C LEU A 12 8.07 20.61 -11.12
N ASN A 13 7.38 20.33 -10.01
CA ASN A 13 6.74 21.37 -9.20
C ASN A 13 7.40 21.58 -7.84
N ARG A 14 7.77 20.48 -7.18
CA ARG A 14 8.27 20.46 -5.80
C ARG A 14 8.84 19.10 -5.39
N ILE A 15 9.67 19.09 -4.35
CA ILE A 15 10.22 17.85 -3.80
C ILE A 15 9.19 17.17 -2.91
N LEU A 16 8.93 15.89 -3.17
CA LEU A 16 8.01 15.08 -2.36
C LEU A 16 8.70 14.37 -1.21
N GLY A 17 9.95 13.97 -1.43
CA GLY A 17 10.73 13.28 -0.41
C GLY A 17 12.09 12.88 -0.95
N GLU A 18 12.94 12.38 -0.06
CA GLU A 18 14.26 11.87 -0.45
C GLU A 18 14.19 10.36 -0.63
N GLY A 19 14.19 9.92 -1.88
CA GLY A 19 14.16 8.48 -2.21
C GLY A 19 15.47 7.81 -1.83
N PHE A 20 15.59 6.52 -2.12
CA PHE A 20 16.79 5.77 -1.73
C PHE A 20 18.03 6.15 -2.56
N PHE A 21 17.79 6.53 -3.81
CA PHE A 21 18.88 6.86 -4.72
C PHE A 21 18.96 8.35 -5.04
N GLY A 22 17.91 9.08 -4.67
CA GLY A 22 17.79 10.51 -4.99
C GLY A 22 16.41 11.04 -4.66
N GLU A 23 16.21 12.35 -4.82
CA GLU A 23 14.93 12.96 -4.47
C GLU A 23 13.83 12.46 -5.37
N VAL A 24 12.61 12.55 -4.84
CA VAL A 24 11.39 12.28 -5.57
C VAL A 24 10.67 13.61 -5.71
N TYR A 25 10.34 13.96 -6.94
CA TYR A 25 9.65 15.21 -7.23
C TYR A 25 8.20 14.97 -7.62
N GLU A 26 7.35 15.94 -7.29
CA GLU A 26 6.01 15.98 -7.88
C GLU A 26 6.13 16.77 -9.17
N GLY A 27 5.37 16.35 -10.18
CA GLY A 27 5.38 17.01 -11.47
C GLY A 27 4.06 16.91 -12.20
N VAL A 28 4.02 17.54 -13.37
CA VAL A 28 2.88 17.42 -14.27
C VAL A 28 3.41 16.95 -15.60
N TYR A 29 2.86 15.84 -16.06
CA TYR A 29 3.16 15.32 -17.37
C TYR A 29 2.02 15.70 -18.30
N THR A 30 2.35 16.43 -19.37
CA THR A 30 1.35 16.76 -20.38
C THR A 30 1.52 15.77 -21.52
N ASN A 31 0.54 14.90 -21.67
CA ASN A 31 0.58 13.92 -22.75
C ASN A 31 0.21 14.55 -24.09
N HIS A 32 0.24 13.74 -25.15
CA HIS A 32 0.01 14.20 -26.52
C HIS A 32 -1.37 14.81 -26.72
N LYS A 33 -2.30 14.50 -25.81
CA LYS A 33 -3.67 14.99 -25.88
C LYS A 33 -3.82 16.33 -25.16
N GLY A 34 -2.74 16.77 -24.51
CA GLY A 34 -2.71 18.06 -23.81
C GLY A 34 -3.27 18.00 -22.39
N GLU A 35 -3.73 16.82 -21.99
CA GLU A 35 -4.25 16.63 -20.64
C GLU A 35 -3.11 16.46 -19.63
N LYS A 36 -3.30 17.06 -18.46
CA LYS A 36 -2.24 17.16 -17.47
C LYS A 36 -2.39 16.09 -16.40
N ILE A 37 -1.36 15.25 -16.28
CA ILE A 37 -1.37 14.11 -15.38
C ILE A 37 -0.39 14.40 -14.23
N ASN A 38 -0.86 14.33 -13.00
CA ASN A 38 0.02 14.45 -11.83
C ASN A 38 0.97 13.26 -11.80
N VAL A 39 2.25 13.52 -11.58
CA VAL A 39 3.23 12.44 -11.54
C VAL A 39 4.22 12.58 -10.38
N ALA A 40 4.75 11.44 -9.95
CA ALA A 40 5.91 11.41 -9.08
C ALA A 40 7.10 11.00 -9.93
N VAL A 41 8.19 11.74 -9.81
CA VAL A 41 9.39 11.55 -10.64
C VAL A 41 10.56 11.17 -9.74
N LYS A 42 11.02 9.93 -9.87
CA LYS A 42 12.16 9.45 -9.10
C LYS A 42 13.46 9.73 -9.83
N THR A 43 14.46 10.19 -9.07
CA THR A 43 15.78 10.48 -9.62
C THR A 43 16.86 9.69 -8.91
N CYS A 44 18.04 9.66 -9.50
CA CYS A 44 19.15 8.87 -8.99
C CYS A 44 20.38 9.77 -8.95
N LYS A 45 21.07 9.79 -7.81
CA LYS A 45 22.30 10.57 -7.67
C LYS A 45 23.29 10.15 -8.76
N LYS A 46 23.93 11.13 -9.38
CA LYS A 46 24.81 10.85 -10.50
C LYS A 46 26.01 9.98 -10.11
N ASP A 47 26.55 10.20 -8.91
CA ASP A 47 27.78 9.52 -8.48
C ASP A 47 27.56 8.14 -7.84
N CYS A 48 26.42 7.51 -8.13
CA CYS A 48 26.14 6.19 -7.58
C CYS A 48 26.94 5.12 -8.31
N THR A 49 27.04 3.95 -7.69
CA THR A 49 27.73 2.82 -8.28
C THR A 49 26.90 2.25 -9.42
N LEU A 50 27.56 1.51 -10.31
CA LEU A 50 26.86 0.88 -11.42
C LEU A 50 25.75 -0.03 -10.92
N ASP A 51 26.04 -0.76 -9.83
CA ASP A 51 25.08 -1.69 -9.23
C ASP A 51 23.86 -0.92 -8.71
N ASN A 52 24.09 0.22 -8.09
CA ASN A 52 22.97 1.04 -7.61
C ASN A 52 22.14 1.67 -8.72
N LYS A 53 22.79 2.12 -9.79
CA LYS A 53 22.08 2.58 -10.98
C LYS A 53 21.18 1.47 -11.52
N GLU A 54 21.74 0.25 -11.60
CA GLU A 54 20.97 -0.90 -12.10
C GLU A 54 19.75 -1.18 -11.21
N LYS A 55 19.95 -1.14 -9.89
CA LYS A 55 18.85 -1.29 -8.94
C LYS A 55 17.81 -0.19 -9.14
N PHE A 56 18.25 1.06 -9.24
CA PHE A 56 17.34 2.17 -9.50
C PHE A 56 16.48 1.87 -10.73
N MET A 57 17.14 1.48 -11.82
CA MET A 57 16.49 1.22 -13.08
C MET A 57 15.50 0.07 -13.01
N SER A 58 15.78 -0.89 -12.13
CA SER A 58 15.02 -2.13 -12.07
C SER A 58 13.56 -1.88 -11.71
N GLU A 59 13.31 -0.83 -10.94
CA GLU A 59 11.94 -0.46 -10.61
C GLU A 59 11.14 -0.19 -11.88
N ALA A 60 11.74 0.53 -12.82
CA ALA A 60 11.10 0.81 -14.10
C ALA A 60 10.89 -0.47 -14.91
N VAL A 61 11.92 -1.30 -14.98
CA VAL A 61 11.88 -2.55 -15.73
C VAL A 61 10.75 -3.44 -15.18
N ILE A 62 10.69 -3.56 -13.85
CA ILE A 62 9.63 -4.31 -13.18
C ILE A 62 8.23 -3.70 -13.35
N MET A 63 8.09 -2.41 -12.99
CA MET A 63 6.76 -1.79 -12.90
C MET A 63 6.07 -1.63 -14.24
N LYS A 64 6.85 -1.63 -15.33
CA LYS A 64 6.31 -1.63 -16.69
C LYS A 64 5.35 -2.80 -16.91
N ASN A 65 5.58 -3.88 -16.16
CA ASN A 65 4.82 -5.10 -16.29
C ASN A 65 3.54 -5.16 -15.47
N LEU A 66 3.35 -4.19 -14.60
CA LEU A 66 2.19 -4.19 -13.71
C LEU A 66 1.08 -3.37 -14.34
N ASP A 67 -0.09 -4.00 -14.51
CA ASP A 67 -1.26 -3.33 -15.06
C ASP A 67 -2.55 -3.66 -14.27
N HIS A 68 -2.38 -3.99 -12.99
CA HIS A 68 -3.51 -4.34 -12.14
C HIS A 68 -4.30 -3.07 -11.75
N PRO A 69 -5.65 -3.14 -11.75
CA PRO A 69 -6.46 -1.95 -11.43
C PRO A 69 -6.21 -1.38 -10.03
N HIS A 70 -5.65 -2.17 -9.12
CA HIS A 70 -5.41 -1.68 -7.76
C HIS A 70 -3.94 -1.74 -7.38
N ILE A 71 -3.08 -1.61 -8.38
CA ILE A 71 -1.65 -1.40 -8.18
C ILE A 71 -1.26 -0.12 -8.91
N VAL A 72 -0.34 0.64 -8.33
CA VAL A 72 0.13 1.90 -8.92
C VAL A 72 0.70 1.67 -10.32
N LYS A 73 0.83 2.76 -11.09
CA LYS A 73 1.12 2.67 -12.51
C LYS A 73 2.36 3.46 -12.89
N LEU A 74 3.23 2.82 -13.67
CA LEU A 74 4.36 3.50 -14.28
C LEU A 74 3.90 4.22 -15.56
N ILE A 75 4.20 5.51 -15.64
CA ILE A 75 3.92 6.30 -16.84
C ILE A 75 5.05 6.13 -17.86
N GLY A 76 6.29 6.24 -17.40
CA GLY A 76 7.43 6.05 -18.30
C GLY A 76 8.77 6.22 -17.65
N ILE A 77 9.81 6.03 -18.46
CA ILE A 77 11.18 6.18 -18.04
C ILE A 77 11.86 7.07 -19.07
N ILE A 78 12.67 8.01 -18.59
CA ILE A 78 13.60 8.73 -19.47
C ILE A 78 14.99 8.21 -19.10
N GLU A 79 15.57 7.39 -19.97
CA GLU A 79 16.83 6.70 -19.64
C GLU A 79 18.04 7.62 -19.70
N GLU A 80 18.02 8.58 -20.61
CA GLU A 80 19.11 9.55 -20.78
C GLU A 80 19.35 10.32 -19.49
N GLU A 81 20.61 10.54 -19.14
CA GLU A 81 20.97 11.31 -17.95
C GLU A 81 20.44 12.75 -18.00
N PRO A 82 19.78 13.22 -16.91
CA PRO A 82 19.48 12.48 -15.67
C PRO A 82 18.28 11.52 -15.82
N THR A 83 18.52 10.25 -15.55
CA THR A 83 17.50 9.21 -15.69
C THR A 83 16.33 9.51 -14.75
N TRP A 84 15.12 9.57 -15.30
CA TRP A 84 13.91 9.79 -14.46
C TRP A 84 12.93 8.64 -14.62
N ILE A 85 12.36 8.17 -13.52
CA ILE A 85 11.27 7.19 -13.54
C ILE A 85 9.99 7.95 -13.17
N ILE A 86 9.00 7.89 -14.05
CA ILE A 86 7.80 8.71 -13.91
C ILE A 86 6.60 7.83 -13.56
N MET A 87 6.07 8.02 -12.36
CA MET A 87 4.94 7.24 -11.88
C MET A 87 3.67 8.07 -11.81
N GLU A 88 2.53 7.43 -11.99
CA GLU A 88 1.27 8.13 -11.94
C GLU A 88 0.82 8.45 -10.52
N LEU A 89 0.43 9.69 -10.30
CA LEU A 89 -0.20 10.14 -9.07
C LEU A 89 -1.63 10.58 -9.42
N TYR A 90 -2.42 10.86 -8.40
CA TYR A 90 -3.81 11.23 -8.58
C TYR A 90 -4.09 12.42 -7.64
N PRO A 91 -5.17 13.17 -7.89
CA PRO A 91 -5.54 14.35 -7.07
C PRO A 91 -5.65 14.14 -5.55
N TYR A 92 -5.94 12.91 -5.11
CA TYR A 92 -6.46 12.66 -3.76
C TYR A 92 -5.43 12.34 -2.69
N GLY A 93 -4.24 11.92 -3.13
CA GLY A 93 -3.13 11.65 -2.23
C GLY A 93 -3.19 10.29 -1.60
N GLU A 94 -2.39 10.11 -0.55
CA GLU A 94 -2.37 8.87 0.22
C GLU A 94 -3.75 8.63 0.82
N LEU A 95 -4.11 7.35 0.88
CA LEU A 95 -5.34 6.94 1.51
C LEU A 95 -5.42 7.38 2.98
N GLY A 96 -4.30 7.28 3.69
CA GLY A 96 -4.31 7.57 5.14
C GLY A 96 -4.87 8.94 5.41
N HIS A 97 -4.30 9.91 4.70
CA HIS A 97 -4.69 11.30 4.78
C HIS A 97 -6.07 11.62 4.19
N TYR A 98 -6.46 10.87 3.15
CA TYR A 98 -7.80 10.97 2.56
C TYR A 98 -8.88 10.53 3.56
N LEU A 99 -8.63 9.44 4.26
CA LEU A 99 -9.57 8.96 5.27
C LEU A 99 -9.74 9.98 6.41
N GLU A 100 -8.63 10.56 6.83
CA GLU A 100 -8.61 11.58 7.88
C GLU A 100 -9.50 12.77 7.52
N ARG A 101 -9.41 13.24 6.28
CA ARG A 101 -10.15 14.43 5.84
C ARG A 101 -11.62 14.16 5.55
N ASN A 102 -11.94 12.92 5.21
CA ASN A 102 -13.29 12.56 4.76
C ASN A 102 -14.03 11.65 5.74
N LYS A 103 -13.53 11.58 6.97
CA LYS A 103 -14.08 10.68 7.97
C LYS A 103 -15.57 10.91 8.25
N ASN A 104 -16.02 12.16 8.17
CA ASN A 104 -17.41 12.47 8.45
C ASN A 104 -18.39 12.02 7.36
N SER A 105 -17.88 11.72 6.16
CA SER A 105 -18.75 11.36 5.03
C SER A 105 -18.59 9.94 4.47
N LEU A 106 -17.45 9.29 4.75
CA LEU A 106 -17.19 7.94 4.24
C LEU A 106 -18.10 6.91 4.92
N LYS A 107 -18.68 6.02 4.12
CA LYS A 107 -19.53 4.96 4.63
C LYS A 107 -18.72 3.67 4.80
N VAL A 108 -19.19 2.80 5.69
CA VAL A 108 -18.48 1.53 5.95
C VAL A 108 -18.31 0.71 4.67
N LEU A 109 -19.34 0.71 3.81
CA LEU A 109 -19.25 -0.02 2.54
C LEU A 109 -18.01 0.37 1.73
N THR A 110 -17.69 1.66 1.72
CA THR A 110 -16.54 2.17 0.96
C THR A 110 -15.23 1.68 1.58
N LEU A 111 -15.20 1.63 2.91
CA LEU A 111 -14.02 1.16 3.64
C LEU A 111 -13.77 -0.32 3.36
N VAL A 112 -14.85 -1.11 3.30
CA VAL A 112 -14.76 -2.52 2.91
C VAL A 112 -14.32 -2.65 1.44
N LEU A 113 -14.87 -1.81 0.57
CA LEU A 113 -14.44 -1.75 -0.84
C LEU A 113 -12.92 -1.55 -0.95
N TYR A 114 -12.39 -0.53 -0.27
CA TYR A 114 -10.94 -0.27 -0.34
C TYR A 114 -10.16 -1.50 0.13
N SER A 115 -10.60 -2.11 1.23
CA SER A 115 -9.98 -3.31 1.78
C SER A 115 -9.95 -4.43 0.73
N LEU A 116 -11.09 -4.64 0.08
CA LEU A 116 -11.24 -5.68 -0.94
C LEU A 116 -10.33 -5.44 -2.16
N GLN A 117 -10.30 -4.18 -2.62
CA GLN A 117 -9.41 -3.81 -3.71
C GLN A 117 -7.92 -4.07 -3.40
N ILE A 118 -7.46 -3.68 -2.22
CA ILE A 118 -6.07 -3.95 -1.83
C ILE A 118 -5.84 -5.47 -1.73
N CYS A 119 -6.82 -6.19 -1.22
CA CYS A 119 -6.75 -7.66 -1.13
C CYS A 119 -6.57 -8.29 -2.51
N LYS A 120 -7.28 -7.78 -3.52
CA LYS A 120 -7.14 -8.26 -4.91
C LYS A 120 -5.74 -8.01 -5.47
N ALA A 121 -5.19 -6.82 -5.22
CA ALA A 121 -3.79 -6.52 -5.55
C ALA A 121 -2.86 -7.56 -4.93
N MET A 122 -3.06 -7.83 -3.64
CA MET A 122 -2.21 -8.78 -2.95
C MET A 122 -2.41 -10.23 -3.45
N ALA A 123 -3.63 -10.59 -3.84
CA ALA A 123 -3.86 -11.93 -4.40
C ALA A 123 -3.06 -12.05 -5.72
N TYR A 124 -2.94 -10.96 -6.46
CA TYR A 124 -2.10 -11.00 -7.66
C TYR A 124 -0.63 -11.20 -7.30
N LEU A 125 -0.13 -10.42 -6.36
CA LEU A 125 1.27 -10.58 -5.93
C LEU A 125 1.55 -11.98 -5.35
N GLU A 126 0.60 -12.50 -4.59
CA GLU A 126 0.69 -13.86 -4.06
C GLU A 126 0.81 -14.90 -5.17
N SER A 127 0.14 -14.65 -6.29
CA SER A 127 0.13 -15.59 -7.44
C SER A 127 1.50 -15.76 -8.10
N ILE A 128 2.34 -14.74 -7.95
CA ILE A 128 3.71 -14.78 -8.47
C ILE A 128 4.72 -14.85 -7.34
N ASN A 129 4.24 -15.22 -6.15
CA ASN A 129 5.08 -15.46 -4.98
C ASN A 129 5.92 -14.23 -4.61
N CYS A 130 5.31 -13.06 -4.79
CA CYS A 130 5.96 -11.81 -4.45
C CYS A 130 5.45 -11.26 -3.14
N VAL A 131 6.38 -10.77 -2.33
CA VAL A 131 6.05 -10.29 -1.00
C VAL A 131 6.20 -8.78 -0.95
N HIS A 132 5.22 -8.10 -0.36
CA HIS A 132 5.26 -6.65 -0.27
C HIS A 132 6.17 -6.15 0.85
N ARG A 133 5.94 -6.66 2.07
CA ARG A 133 6.74 -6.37 3.28
C ARG A 133 6.39 -5.06 4.00
N ASP A 134 5.49 -4.26 3.42
CA ASP A 134 5.19 -2.94 3.98
C ASP A 134 3.77 -2.48 3.67
N ILE A 135 2.81 -3.38 3.84
CA ILE A 135 1.41 -3.03 3.54
C ILE A 135 0.83 -2.16 4.65
N ALA A 136 0.43 -0.94 4.26
CA ALA A 136 -0.06 0.07 5.17
C ALA A 136 -0.74 1.16 4.36
N VAL A 137 -1.60 1.92 5.00
CA VAL A 137 -2.35 2.97 4.33
C VAL A 137 -1.42 4.04 3.70
N ARG A 138 -0.25 4.25 4.31
CA ARG A 138 0.75 5.21 3.78
C ARG A 138 1.28 4.78 2.40
N ASN A 139 1.11 3.50 2.07
CA ASN A 139 1.55 2.97 0.77
C ASN A 139 0.40 2.81 -0.25
N ILE A 140 -0.70 3.49 0.01
CA ILE A 140 -1.88 3.36 -0.85
C ILE A 140 -2.32 4.72 -1.38
N LEU A 141 -2.56 4.81 -2.69
CA LEU A 141 -3.02 6.05 -3.31
C LEU A 141 -4.51 5.95 -3.59
N VAL A 142 -5.18 7.10 -3.54
CA VAL A 142 -6.59 7.18 -3.90
C VAL A 142 -6.67 7.64 -5.36
N ALA A 143 -7.03 6.73 -6.27
CA ALA A 143 -7.12 7.07 -7.69
C ALA A 143 -8.44 7.81 -7.98
N SER A 144 -9.49 7.38 -7.30
CA SER A 144 -10.82 8.01 -7.33
C SER A 144 -11.54 7.64 -6.03
N PRO A 145 -12.68 8.28 -5.72
CA PRO A 145 -13.43 7.83 -4.54
C PRO A 145 -13.79 6.34 -4.57
N GLU A 146 -13.79 5.74 -5.76
CA GLU A 146 -14.22 4.36 -5.93
C GLU A 146 -13.04 3.42 -6.18
N CYS A 147 -11.81 3.93 -6.11
CA CYS A 147 -10.65 3.10 -6.50
C CYS A 147 -9.36 3.47 -5.78
N VAL A 148 -8.79 2.51 -5.05
CA VAL A 148 -7.45 2.73 -4.45
C VAL A 148 -6.43 1.85 -5.15
N LYS A 149 -5.17 2.23 -5.01
CA LYS A 149 -4.06 1.53 -5.69
C LYS A 149 -2.90 1.35 -4.73
N LEU A 150 -2.41 0.11 -4.64
CA LEU A 150 -1.32 -0.23 -3.75
C LEU A 150 0.02 0.09 -4.41
N GLY A 151 0.89 0.76 -3.63
CA GLY A 151 2.26 1.01 -4.05
C GLY A 151 3.28 0.57 -3.02
N ASP A 152 4.52 0.98 -3.23
CA ASP A 152 5.60 0.75 -2.26
C ASP A 152 6.51 1.98 -2.30
N PHE A 153 6.23 2.92 -1.41
CA PHE A 153 6.87 4.24 -1.46
C PHE A 153 8.04 4.33 -0.46
N GLY A 154 8.29 3.23 0.23
CA GLY A 154 9.20 3.15 1.36
C GLY A 154 9.01 1.84 2.15
N LEU A 172 12.02 -0.12 10.79
CA LEU A 172 11.08 -1.17 10.37
C LEU A 172 9.66 -0.86 10.84
N PRO A 173 8.64 -1.27 10.04
CA PRO A 173 7.25 -0.98 10.44
C PRO A 173 6.75 -1.96 11.51
N ILE A 174 7.39 -1.90 12.67
CA ILE A 174 7.17 -2.85 13.76
C ILE A 174 5.69 -3.02 14.07
N LYS A 175 4.94 -1.92 14.10
CA LYS A 175 3.52 -2.02 14.49
C LYS A 175 2.59 -2.67 13.47
N TRP A 176 3.11 -2.94 12.28
CA TRP A 176 2.39 -3.63 11.22
C TRP A 176 2.86 -5.07 11.04
N MET A 177 4.01 -5.39 11.61
CA MET A 177 4.70 -6.65 11.29
C MET A 177 4.21 -7.87 12.03
N SER A 178 4.31 -9.02 11.37
CA SER A 178 3.98 -10.30 11.99
C SER A 178 5.02 -10.65 13.07
N PRO A 179 4.64 -11.50 14.03
CA PRO A 179 5.62 -11.92 15.06
C PRO A 179 6.88 -12.52 14.47
N GLU A 180 6.77 -13.32 13.40
CA GLU A 180 7.95 -13.94 12.78
C GLU A 180 8.83 -12.91 12.07
N SER A 181 8.22 -11.82 11.57
CA SER A 181 8.97 -10.72 10.95
C SER A 181 9.69 -9.92 12.02
N ILE A 182 9.00 -9.64 13.13
CA ILE A 182 9.66 -8.94 14.24
C ILE A 182 10.78 -9.80 14.83
N ASN A 183 10.49 -11.07 15.10
CA ASN A 183 11.41 -11.93 15.82
C ASN A 183 12.60 -12.41 15.00
N PHE A 184 12.37 -12.70 13.71
CA PHE A 184 13.36 -13.42 12.88
C PHE A 184 13.65 -12.75 11.54
N ARG A 185 12.97 -11.63 11.30
CA ARG A 185 13.03 -10.93 10.02
C ARG A 185 12.63 -11.86 8.87
N ARG A 186 11.72 -12.79 9.15
CA ARG A 186 11.09 -13.64 8.14
C ARG A 186 9.92 -12.87 7.51
N PHE A 187 9.93 -12.74 6.18
CA PHE A 187 8.83 -12.10 5.44
C PHE A 187 8.35 -13.05 4.33
N THR A 188 7.12 -13.52 4.45
CA THR A 188 6.49 -14.43 3.46
C THR A 188 5.12 -13.87 3.09
N THR A 189 4.44 -14.52 2.14
CA THR A 189 3.07 -14.08 1.84
C THR A 189 2.22 -14.14 3.12
N ALA A 190 2.44 -15.15 3.97
CA ALA A 190 1.68 -15.25 5.24
C ALA A 190 1.95 -14.06 6.19
N SER A 191 3.19 -13.58 6.24
CA SER A 191 3.45 -12.36 7.01
C SER A 191 2.80 -11.14 6.34
N ASP A 192 2.69 -11.14 5.00
CA ASP A 192 1.96 -10.07 4.30
C ASP A 192 0.48 -10.05 4.71
N VAL A 193 -0.11 -11.24 4.85
CA VAL A 193 -1.53 -11.35 5.27
C VAL A 193 -1.72 -10.68 6.64
N TRP A 194 -0.82 -10.95 7.56
CA TRP A 194 -0.85 -10.25 8.86
C TRP A 194 -0.85 -8.73 8.67
N MET A 195 0.14 -8.24 7.90
CA MET A 195 0.27 -6.80 7.69
C MET A 195 -0.98 -6.25 7.01
N PHE A 196 -1.52 -7.00 6.06
CA PHE A 196 -2.71 -6.54 5.34
C PHE A 196 -3.90 -6.30 6.30
N ALA A 197 -4.07 -7.20 7.27
CA ALA A 197 -5.12 -7.04 8.26
C ALA A 197 -4.88 -5.83 9.17
N VAL A 198 -3.62 -5.53 9.48
CA VAL A 198 -3.29 -4.26 10.12
C VAL A 198 -3.69 -3.08 9.23
N CYS A 199 -3.44 -3.19 7.93
CA CYS A 199 -3.83 -2.14 6.98
C CYS A 199 -5.36 -1.98 6.96
N MET A 200 -6.09 -3.08 6.93
CA MET A 200 -7.54 -3.06 7.09
C MET A 200 -7.98 -2.35 8.37
N TRP A 201 -7.35 -2.70 9.49
CA TRP A 201 -7.62 -1.99 10.74
C TRP A 201 -7.44 -0.47 10.59
N GLU A 202 -6.35 -0.03 9.96
CA GLU A 202 -6.15 1.40 9.69
C GLU A 202 -7.32 1.97 8.89
N ILE A 203 -7.71 1.29 7.83
CA ILE A 203 -8.78 1.79 6.95
C ILE A 203 -10.10 1.93 7.75
N LEU A 204 -10.45 0.90 8.50
CA LEU A 204 -11.70 0.93 9.24
C LEU A 204 -11.66 1.89 10.44
N SER A 205 -10.46 2.33 10.78
CA SER A 205 -10.22 3.30 11.86
C SER A 205 -10.02 4.72 11.30
N PHE A 206 -10.36 4.91 10.02
CA PHE A 206 -10.17 6.20 9.33
C PHE A 206 -8.73 6.77 9.46
N GLY A 207 -7.73 5.89 9.38
CA GLY A 207 -6.35 6.30 9.28
C GLY A 207 -5.55 6.29 10.57
N LYS A 208 -6.18 5.88 11.66
CA LYS A 208 -5.49 5.73 12.94
C LYS A 208 -4.27 4.81 12.79
N GLN A 209 -3.25 5.07 13.59
CA GLN A 209 -2.06 4.25 13.55
C GLN A 209 -2.17 3.05 14.50
N PRO A 210 -1.83 1.83 14.02
CA PRO A 210 -1.97 0.65 14.88
C PRO A 210 -1.05 0.78 16.09
N PHE A 211 -1.52 0.36 17.27
CA PHE A 211 -0.69 0.42 18.50
C PHE A 211 -0.07 1.81 18.76
N PHE A 212 -0.84 2.86 18.50
CA PHE A 212 -0.35 4.22 18.73
C PHE A 212 -0.09 4.46 20.22
N TRP A 213 -0.66 3.59 21.05
CA TRP A 213 -0.54 3.64 22.51
C TRP A 213 0.68 2.89 23.06
N LEU A 214 1.46 2.29 22.16
CA LEU A 214 2.67 1.56 22.51
C LEU A 214 3.90 2.18 21.84
N GLU A 215 5.06 1.93 22.43
CA GLU A 215 6.35 2.10 21.77
C GLU A 215 6.64 0.84 20.98
N ASN A 216 7.38 0.96 19.88
CA ASN A 216 7.77 -0.19 19.06
C ASN A 216 8.27 -1.38 19.88
N LYS A 217 9.07 -1.10 20.91
CA LYS A 217 9.72 -2.15 21.71
C LYS A 217 8.74 -3.03 22.50
N ASP A 218 7.55 -2.48 22.80
CA ASP A 218 6.52 -3.15 23.60
C ASP A 218 5.61 -4.07 22.77
N VAL A 219 5.67 -3.92 21.45
CA VAL A 219 4.71 -4.60 20.54
C VAL A 219 4.80 -6.13 20.62
N ILE A 220 6.00 -6.68 20.45
CA ILE A 220 6.13 -8.15 20.44
C ILE A 220 5.63 -8.80 21.74
N GLY A 221 5.91 -8.18 22.88
CA GLY A 221 5.42 -8.68 24.18
C GLY A 221 3.92 -8.81 24.23
N VAL A 222 3.22 -7.82 23.69
CA VAL A 222 1.78 -7.78 23.66
C VAL A 222 1.24 -8.90 22.76
N LEU A 223 1.83 -9.04 21.56
CA LEU A 223 1.40 -10.08 20.62
C LEU A 223 1.66 -11.48 21.15
N GLU A 224 2.83 -11.65 21.79
CA GLU A 224 3.19 -12.94 22.36
C GLU A 224 2.21 -13.39 23.46
N LYS A 225 1.70 -12.43 24.23
CA LYS A 225 0.74 -12.69 25.31
C LYS A 225 -0.69 -12.89 24.82
N GLY A 226 -0.89 -12.79 23.51
CA GLY A 226 -2.22 -12.96 22.91
C GLY A 226 -3.07 -11.70 22.72
N ASP A 227 -2.51 -10.53 23.00
CA ASP A 227 -3.28 -9.30 22.78
C ASP A 227 -3.27 -8.91 21.31
N ARG A 228 -4.32 -8.22 20.89
CA ARG A 228 -4.49 -7.81 19.49
C ARG A 228 -5.09 -6.41 19.42
N LEU A 229 -4.98 -5.78 18.25
CA LEU A 229 -5.70 -4.52 17.99
C LEU A 229 -7.19 -4.72 18.23
N PRO A 230 -7.83 -3.80 18.99
CA PRO A 230 -9.27 -3.93 19.22
C PRO A 230 -10.08 -3.62 17.96
N LYS A 231 -11.31 -4.10 17.93
CA LYS A 231 -12.18 -3.83 16.78
C LYS A 231 -12.48 -2.32 16.65
N PRO A 232 -12.18 -1.76 15.47
CA PRO A 232 -12.55 -0.36 15.22
C PRO A 232 -14.05 -0.19 15.37
N ASP A 233 -14.49 0.95 15.90
CA ASP A 233 -15.93 1.18 16.12
C ASP A 233 -16.82 0.78 14.94
N LEU A 234 -16.46 1.23 13.74
CA LEU A 234 -17.31 1.02 12.57
C LEU A 234 -17.09 -0.31 11.84
N CYS A 235 -16.14 -1.11 12.32
CA CYS A 235 -15.81 -2.36 11.68
C CYS A 235 -16.90 -3.40 11.93
N PRO A 236 -17.48 -3.98 10.86
CA PRO A 236 -18.42 -5.08 11.06
C PRO A 236 -17.79 -6.25 11.81
N PRO A 237 -18.52 -6.86 12.76
CA PRO A 237 -17.95 -7.99 13.50
C PRO A 237 -17.38 -9.10 12.62
N VAL A 238 -18.04 -9.43 11.50
CA VAL A 238 -17.54 -10.49 10.61
C VAL A 238 -16.17 -10.14 10.02
N LEU A 239 -15.98 -8.85 9.74
CA LEU A 239 -14.72 -8.37 9.19
C LEU A 239 -13.63 -8.42 10.26
N TYR A 240 -14.00 -8.10 11.50
CA TYR A 240 -13.05 -8.19 12.60
C TYR A 240 -12.60 -9.63 12.81
N THR A 241 -13.54 -10.57 12.73
CA THR A 241 -13.18 -11.98 12.81
C THR A 241 -12.13 -12.34 11.74
N LEU A 242 -12.33 -11.87 10.52
CA LEU A 242 -11.34 -12.12 9.45
C LEU A 242 -9.96 -11.53 9.78
N MET A 243 -9.95 -10.29 10.30
CA MET A 243 -8.72 -9.66 10.76
C MET A 243 -8.02 -10.55 11.78
N THR A 244 -8.76 -11.03 12.77
CA THR A 244 -8.16 -11.89 13.78
C THR A 244 -7.56 -13.18 13.24
N ARG A 245 -8.16 -13.74 12.19
CA ARG A 245 -7.61 -14.92 11.56
C ARG A 245 -6.29 -14.60 10.86
N CYS A 246 -6.23 -13.41 10.25
CA CYS A 246 -4.99 -12.90 9.66
C CYS A 246 -3.91 -12.67 10.71
N TRP A 247 -4.34 -12.46 11.96
CA TRP A 247 -3.41 -12.25 13.05
C TRP A 247 -3.17 -13.51 13.89
N ASP A 248 -3.36 -14.68 13.30
CA ASP A 248 -2.97 -15.89 14.02
C ASP A 248 -1.45 -15.90 14.19
N TYR A 249 -0.97 -16.24 15.39
CA TYR A 249 0.46 -16.33 15.61
C TYR A 249 1.13 -17.28 14.60
N ASP A 250 0.45 -18.39 14.33
CA ASP A 250 0.93 -19.42 13.44
C ASP A 250 0.64 -19.01 11.98
N PRO A 251 1.71 -18.74 11.20
CA PRO A 251 1.48 -18.29 9.81
C PRO A 251 0.63 -19.26 8.98
N SER A 252 0.73 -20.57 9.26
CA SER A 252 -0.03 -21.55 8.53
C SER A 252 -1.54 -21.47 8.75
N ASP A 253 -1.96 -20.76 9.81
CA ASP A 253 -3.38 -20.64 10.12
C ASP A 253 -4.04 -19.40 9.55
N ARG A 254 -3.23 -18.55 8.94
CA ARG A 254 -3.74 -17.35 8.25
C ARG A 254 -4.22 -17.73 6.85
N PRO A 255 -5.31 -17.10 6.39
CA PRO A 255 -5.81 -17.39 5.04
C PRO A 255 -4.83 -16.89 3.97
N ARG A 256 -4.86 -17.51 2.79
CA ARG A 256 -4.22 -16.94 1.62
C ARG A 256 -4.98 -15.70 1.19
N PHE A 257 -4.27 -14.77 0.52
CA PHE A 257 -4.96 -13.63 -0.07
C PHE A 257 -6.02 -14.09 -1.06
N THR A 258 -5.70 -15.13 -1.82
CA THR A 258 -6.62 -15.66 -2.83
C THR A 258 -7.99 -16.02 -2.24
N GLU A 259 -7.98 -16.67 -1.08
CA GLU A 259 -9.21 -17.03 -0.38
C GLU A 259 -9.81 -15.84 0.38
N LEU A 260 -8.94 -14.97 0.90
CA LEU A 260 -9.42 -13.76 1.60
C LEU A 260 -10.24 -12.84 0.70
N VAL A 261 -9.90 -12.79 -0.59
CA VAL A 261 -10.72 -12.10 -1.57
C VAL A 261 -12.18 -12.62 -1.50
N CYS A 262 -12.35 -13.95 -1.44
CA CYS A 262 -13.71 -14.53 -1.37
C CYS A 262 -14.42 -14.12 -0.09
N SER A 263 -13.70 -14.17 1.03
CA SER A 263 -14.25 -13.83 2.34
C SER A 263 -14.62 -12.35 2.41
N LEU A 264 -13.73 -11.50 1.90
CA LEU A 264 -14.01 -10.06 1.85
C LEU A 264 -15.14 -9.71 0.90
N SER A 265 -15.24 -10.42 -0.23
CA SER A 265 -16.35 -10.20 -1.18
C SER A 265 -17.69 -10.51 -0.51
N ASP A 266 -17.71 -11.54 0.33
CA ASP A 266 -18.88 -11.91 1.12
C ASP A 266 -19.28 -10.77 2.07
N VAL A 267 -18.30 -10.22 2.79
CA VAL A 267 -18.54 -9.12 3.71
C VAL A 267 -19.07 -7.88 2.97
N TYR A 268 -18.46 -7.59 1.83
CA TYR A 268 -18.91 -6.48 1.00
C TYR A 268 -20.40 -6.66 0.60
N GLN A 269 -20.76 -7.84 0.11
CA GLN A 269 -22.15 -8.05 -0.32
C GLN A 269 -23.12 -7.95 0.84
N MET A 270 -22.75 -8.52 1.99
CA MET A 270 -23.54 -8.39 3.21
C MET A 270 -23.73 -6.93 3.61
N GLU A 271 -22.67 -6.15 3.54
CA GLU A 271 -22.74 -4.73 3.89
C GLU A 271 -23.53 -3.90 2.87
N LYS A 272 -23.46 -4.31 1.61
CA LYS A 272 -24.21 -3.66 0.53
C LYS A 272 -25.72 -3.87 0.70
N ASP A 273 -26.09 -5.10 1.05
CA ASP A 273 -27.49 -5.46 1.31
C ASP A 273 -28.05 -4.66 2.49
N ILE A 274 -27.31 -4.68 3.61
CA ILE A 274 -27.64 -3.88 4.80
C ILE A 274 -27.91 -2.41 4.42
N ALA A 275 -27.07 -1.86 3.55
CA ALA A 275 -27.24 -0.51 3.02
C ALA A 275 -28.44 -0.42 2.08
C1 B96 B . 6.37 2.10 -6.18
O1 B96 B . 5.18 2.15 -5.87
N2 B96 B . 7.09 3.22 -6.42
C3 B96 B . 6.62 4.51 -6.18
C4 B96 B . 5.46 5.21 -6.59
C5 B96 B . 5.26 6.50 -6.08
C6 B96 B . 6.15 7.09 -5.16
C31 B96 B . 4.57 4.65 -7.49
C32 B96 B . 3.45 5.39 -7.89
C33 B96 B . 3.23 6.66 -7.40
C34 B96 B . 4.14 7.23 -6.49
C7 B96 B . 7.26 6.39 -4.74
C8 B96 B . 7.47 5.11 -5.25
N9 B96 B . 7.04 0.97 -6.35
C10 B96 B . 6.59 -0.33 -6.19
C14 B96 B . 5.28 -0.76 -5.92
C13 B96 B . 5.44 -2.15 -5.92
N12 B96 B . 6.69 -2.60 -6.18
N11 B96 B . 7.37 -1.40 -6.37
C15 B96 B . 8.69 -1.46 -6.61
C17 B96 B . 4.07 -3.90 -6.97
C18 B96 B . 4.88 -4.21 -4.64
C19 B96 B . 3.09 -2.53 -5.21
C16 B96 B . 4.37 -3.19 -5.67
C20 B96 B . 9.60 -0.64 -5.93
C21 B96 B . 10.98 -0.73 -6.13
C22 B96 B . 11.49 -1.69 -7.00
C23 B96 B . 10.62 -2.55 -7.67
C24 B96 B . 9.24 -2.44 -7.45
C25 B96 B . 12.98 -1.82 -7.24
O41 B96 B . 5.94 8.36 -4.66
C42 B96 B . 6.56 8.80 -3.45
C43 B96 B . 5.96 10.14 -3.01
N44 B96 B . 4.74 9.91 -2.20
C45 B96 B . 3.69 9.22 -2.98
C46 B96 B . 2.42 9.13 -2.14
O47 B96 B . 1.99 10.45 -1.81
C48 B96 B . 2.93 11.14 -0.99
C49 B96 B . 4.28 11.24 -1.70
#